data_5CBE
#
_entry.id   5CBE
#
_cell.length_a   125.000
_cell.length_b   125.000
_cell.length_c   98.000
_cell.angle_alpha   90.00
_cell.angle_beta   90.00
_cell.angle_gamma   120.00
#
_symmetry.space_group_name_H-M   'P 31 2 1'
#
loop_
_entity.id
_entity.type
_entity.pdbx_description
1 polymer 'E10 heavy chain'
2 polymer 'E10 light chain'
3 polymer 'C-X-C motif chemokine 13'
4 non-polymer 1,2-ETHANEDIOL
5 water water
#
loop_
_entity_poly.entity_id
_entity_poly.type
_entity_poly.pdbx_seq_one_letter_code
_entity_poly.pdbx_strand_id
1 'polypeptide(L)'
;QVQLVQSGAEVKKPGSSVKVSCKASGGTFSSYAISWVRQAPGQGLEWMGGIIPIFGTANYAQKFQGRVTITADESTSTAY
MELSSLRSEDTAVYYCAREPDYYDSSGYYPIDAFDIWGQGTTVTVSSGGGGSGGGGSGGGGS
;
A,C
2 'polypeptide(L)'
;QSALTQPASVSASPGQSITISCTGTSSDVGAYDWVSWYQQHPGKAPKLLIFDVNNRPSGVSHRFSGSKSGNTASLTISGL
QAEDEADYYCASATLLDTYVFGTGTKVTVLGDQEPKSSDKTH
;
B,D
3 'polypeptide(L)'
;MVLEVYYTSLRCRCVQESSVFIPRRFIDRIQILPRGNGCPRKEIIVWKKNKSIVCVDPQAEWIQRMMEVLRKRSSSTLPV
PVFKRKIP
;
E,F
#
# COMPACT_ATOMS: atom_id res chain seq x y z
N GLN A 1 1.96 -4.91 -17.05
CA GLN A 1 1.88 -4.86 -18.51
C GLN A 1 3.02 -5.62 -19.19
N VAL A 2 3.95 -6.19 -18.37
CA VAL A 2 5.09 -6.97 -18.83
C VAL A 2 4.60 -8.21 -19.56
N GLN A 3 5.29 -8.61 -20.62
CA GLN A 3 4.96 -9.75 -21.45
C GLN A 3 6.15 -10.68 -21.67
N LEU A 4 5.86 -11.95 -22.00
CA LEU A 4 6.87 -12.96 -22.27
C LEU A 4 6.90 -13.27 -23.75
N VAL A 5 8.07 -13.07 -24.40
CA VAL A 5 8.21 -13.37 -25.82
C VAL A 5 9.02 -14.63 -26.02
N GLN A 6 8.38 -15.65 -26.61
CA GLN A 6 9.08 -16.91 -26.89
C GLN A 6 9.50 -17.03 -28.36
N SER A 7 10.43 -17.97 -28.60
CA SER A 7 11.01 -18.28 -29.90
C SER A 7 9.94 -18.77 -30.90
N GLY A 8 10.24 -18.67 -32.20
CA GLY A 8 9.34 -19.09 -33.27
C GLY A 8 9.12 -20.59 -33.35
N ALA A 9 8.06 -21.01 -34.07
CA ALA A 9 7.69 -22.41 -34.28
C ALA A 9 8.79 -23.16 -35.05
N GLU A 10 9.24 -24.30 -34.48
CA GLU A 10 10.31 -25.12 -35.03
C GLU A 10 9.81 -26.48 -35.52
N VAL A 11 10.41 -26.98 -36.63
CA VAL A 11 10.12 -28.29 -37.23
C VAL A 11 11.40 -29.13 -37.11
N LYS A 12 11.39 -30.14 -36.23
CA LYS A 12 12.56 -31.00 -35.96
C LYS A 12 12.29 -32.51 -36.22
N LYS A 13 13.37 -33.31 -36.33
CA LYS A 13 13.33 -34.74 -36.59
C LYS A 13 13.23 -35.58 -35.29
N PRO A 14 12.71 -36.84 -35.30
CA PRO A 14 12.70 -37.60 -34.03
C PRO A 14 14.12 -38.00 -33.60
N GLY A 15 14.39 -37.80 -32.31
CA GLY A 15 15.68 -38.07 -31.69
C GLY A 15 16.49 -36.82 -31.42
N SER A 16 16.15 -35.71 -32.11
CA SER A 16 16.83 -34.40 -32.05
C SER A 16 16.49 -33.62 -30.77
N SER A 17 17.11 -32.44 -30.59
CA SER A 17 16.90 -31.57 -29.43
C SER A 17 16.45 -30.17 -29.86
N VAL A 18 15.36 -29.68 -29.24
CA VAL A 18 14.80 -28.35 -29.50
C VAL A 18 14.99 -27.45 -28.29
N LYS A 19 15.55 -26.24 -28.52
CA LYS A 19 15.79 -25.24 -27.49
C LYS A 19 14.89 -24.04 -27.76
N VAL A 20 13.88 -23.86 -26.89
CA VAL A 20 12.91 -22.77 -27.02
C VAL A 20 13.24 -21.68 -25.99
N SER A 21 13.48 -20.44 -26.47
CA SER A 21 13.80 -19.29 -25.62
C SER A 21 12.51 -18.60 -25.15
N CYS A 22 12.60 -17.80 -24.08
CA CYS A 22 11.50 -17.04 -23.47
C CYS A 22 12.09 -15.81 -22.80
N LYS A 23 11.97 -14.62 -23.45
CA LYS A 23 12.50 -13.36 -22.94
C LYS A 23 11.46 -12.47 -22.29
N ALA A 24 11.84 -11.86 -21.16
CA ALA A 24 11.03 -10.93 -20.37
C ALA A 24 11.37 -9.52 -20.75
N SER A 25 10.33 -8.72 -21.05
CA SER A 25 10.44 -7.32 -21.43
C SER A 25 10.65 -6.42 -20.21
N GLY A 26 11.70 -5.60 -20.26
CA GLY A 26 12.06 -4.68 -19.19
C GLY A 26 13.39 -4.00 -19.42
N PHE A 29 13.72 -5.50 -16.19
CA PHE A 29 15.11 -5.60 -16.63
C PHE A 29 15.75 -6.95 -16.31
N SER A 30 15.29 -7.61 -15.22
CA SER A 30 15.79 -8.91 -14.75
C SER A 30 14.75 -10.03 -14.89
N SER A 31 15.22 -11.29 -15.02
CA SER A 31 14.37 -12.48 -15.13
C SER A 31 13.76 -12.86 -13.78
N TYR A 32 12.54 -13.43 -13.80
CA TYR A 32 11.80 -13.86 -12.60
C TYR A 32 11.56 -15.39 -12.64
N ALA A 33 10.67 -15.92 -11.76
CA ALA A 33 10.33 -17.35 -11.71
C ALA A 33 9.54 -17.73 -12.97
N ILE A 34 10.10 -18.65 -13.78
CA ILE A 34 9.49 -19.06 -15.05
C ILE A 34 9.28 -20.57 -15.11
N SER A 35 8.04 -21.00 -15.44
CA SER A 35 7.70 -22.41 -15.65
C SER A 35 7.37 -22.68 -17.13
N TRP A 36 7.38 -23.96 -17.54
CA TRP A 36 7.06 -24.39 -18.89
C TRP A 36 5.90 -25.36 -18.89
N VAL A 37 4.87 -25.04 -19.70
CA VAL A 37 3.62 -25.79 -19.82
C VAL A 37 3.39 -26.18 -21.28
N ARG A 38 3.26 -27.48 -21.51
CA ARG A 38 3.01 -28.13 -22.77
C ARG A 38 1.49 -28.18 -23.00
N GLN A 39 1.06 -28.11 -24.26
CA GLN A 39 -0.34 -28.19 -24.66
C GLN A 39 -0.47 -28.96 -25.99
N ALA A 40 -0.83 -30.25 -25.89
CA ALA A 40 -1.01 -31.12 -27.06
C ALA A 40 -2.32 -30.74 -27.76
N PRO A 41 -2.43 -30.92 -29.09
CA PRO A 41 -3.69 -30.55 -29.79
C PRO A 41 -4.97 -31.17 -29.19
N GLY A 42 -5.95 -30.30 -28.95
CA GLY A 42 -7.25 -30.65 -28.39
C GLY A 42 -7.24 -31.16 -26.95
N GLN A 43 -6.03 -31.34 -26.38
CA GLN A 43 -5.83 -31.88 -25.03
C GLN A 43 -5.83 -30.81 -23.94
N GLY A 44 -5.37 -31.19 -22.74
CA GLY A 44 -5.29 -30.30 -21.59
C GLY A 44 -3.89 -29.75 -21.37
N LEU A 45 -3.76 -28.83 -20.41
CA LEU A 45 -2.47 -28.22 -20.06
C LEU A 45 -1.62 -29.21 -19.24
N GLU A 46 -0.29 -29.20 -19.47
CA GLU A 46 0.65 -30.11 -18.83
C GLU A 46 1.91 -29.38 -18.39
N TRP A 47 2.15 -29.31 -17.06
CA TRP A 47 3.35 -28.67 -16.51
C TRP A 47 4.55 -29.59 -16.69
N MET A 48 5.62 -29.08 -17.31
CA MET A 48 6.82 -29.86 -17.59
C MET A 48 7.91 -29.62 -16.56
N GLY A 49 8.02 -28.36 -16.14
CA GLY A 49 9.03 -27.93 -15.18
C GLY A 49 9.02 -26.43 -14.99
N GLY A 50 9.96 -25.95 -14.20
CA GLY A 50 10.12 -24.54 -13.89
C GLY A 50 11.50 -24.19 -13.39
N ILE A 51 11.75 -22.89 -13.17
CA ILE A 51 13.02 -22.35 -12.69
C ILE A 51 12.82 -21.08 -11.84
N ILE A 52 13.55 -21.00 -10.71
CA ILE A 52 13.52 -19.87 -9.80
C ILE A 52 14.94 -19.28 -9.79
N PRO A 53 15.26 -18.30 -10.67
CA PRO A 53 16.63 -17.72 -10.69
C PRO A 53 17.06 -17.05 -9.36
N ILE A 54 16.06 -16.58 -8.60
CA ILE A 54 16.17 -15.92 -7.28
C ILE A 54 16.57 -16.92 -6.19
N PHE A 55 16.04 -18.14 -6.25
CA PHE A 55 16.33 -19.21 -5.29
C PHE A 55 17.43 -20.17 -5.82
N GLY A 56 17.81 -20.01 -7.10
CA GLY A 56 18.81 -20.82 -7.78
C GLY A 56 18.43 -22.30 -7.86
N THR A 57 17.16 -22.57 -8.25
CA THR A 57 16.58 -23.90 -8.33
C THR A 57 15.78 -24.09 -9.62
N ALA A 58 15.82 -25.32 -10.15
CA ALA A 58 15.05 -25.74 -11.32
C ALA A 58 14.51 -27.14 -11.07
N ASN A 59 13.17 -27.31 -11.16
CA ASN A 59 12.53 -28.61 -10.92
C ASN A 59 11.63 -29.00 -12.09
N TYR A 60 11.53 -30.31 -12.36
CA TYR A 60 10.74 -30.86 -13.47
C TYR A 60 9.79 -31.98 -13.03
N ALA A 61 8.80 -32.29 -13.88
CA ALA A 61 7.84 -33.37 -13.64
C ALA A 61 8.46 -34.70 -13.98
N GLN A 62 8.15 -35.71 -13.15
CA GLN A 62 8.64 -37.10 -13.26
C GLN A 62 8.69 -37.65 -14.69
N LYS A 63 7.62 -37.45 -15.49
CA LYS A 63 7.57 -37.95 -16.87
C LYS A 63 8.51 -37.22 -17.83
N PHE A 64 8.87 -35.96 -17.50
CA PHE A 64 9.79 -35.15 -18.31
C PHE A 64 11.22 -35.10 -17.76
N GLN A 65 11.45 -35.65 -16.54
CA GLN A 65 12.76 -35.67 -15.90
C GLN A 65 13.79 -36.52 -16.67
N GLY A 66 14.92 -35.91 -17.01
CA GLY A 66 16.02 -36.52 -17.75
C GLY A 66 16.08 -36.10 -19.21
N ARG A 67 14.99 -35.51 -19.71
CA ARG A 67 14.87 -35.07 -21.11
C ARG A 67 14.91 -33.55 -21.20
N VAL A 68 14.04 -32.88 -20.44
CA VAL A 68 13.90 -31.43 -20.43
C VAL A 68 14.99 -30.76 -19.56
N THR A 69 15.52 -29.62 -20.05
CA THR A 69 16.55 -28.83 -19.40
C THR A 69 16.14 -27.35 -19.42
N ILE A 70 16.02 -26.72 -18.23
CA ILE A 70 15.63 -25.31 -18.11
C ILE A 70 16.81 -24.51 -17.55
N THR A 71 17.20 -23.43 -18.26
CA THR A 71 18.31 -22.55 -17.91
C THR A 71 17.82 -21.10 -17.95
N ALA A 72 18.41 -20.23 -17.12
CA ALA A 72 18.06 -18.82 -17.08
C ALA A 72 19.32 -17.95 -17.02
N ASP A 73 19.38 -16.96 -17.92
CA ASP A 73 20.48 -16.01 -18.05
C ASP A 73 19.99 -14.66 -17.54
N GLU A 74 20.47 -14.22 -16.37
CA GLU A 74 20.08 -12.97 -15.71
C GLU A 74 20.62 -11.72 -16.41
N SER A 75 21.66 -11.87 -17.26
CA SER A 75 22.25 -10.76 -18.01
C SER A 75 21.36 -10.35 -19.20
N THR A 76 20.78 -11.34 -19.92
CA THR A 76 19.93 -11.11 -21.09
C THR A 76 18.43 -11.37 -20.83
N SER A 77 18.06 -11.76 -19.58
CA SER A 77 16.68 -12.05 -19.12
C SER A 77 15.93 -13.06 -20.01
N THR A 78 16.59 -14.17 -20.34
CA THR A 78 16.07 -15.21 -21.23
C THR A 78 16.07 -16.59 -20.58
N ALA A 79 14.90 -17.24 -20.54
CA ALA A 79 14.71 -18.59 -20.00
C ALA A 79 14.63 -19.58 -21.17
N TYR A 80 15.35 -20.70 -21.05
CA TYR A 80 15.39 -21.70 -22.12
C TYR A 80 14.72 -23.02 -21.76
N MET A 81 14.16 -23.70 -22.77
CA MET A 81 13.49 -24.99 -22.67
C MET A 81 14.15 -25.94 -23.64
N GLU A 82 15.09 -26.76 -23.15
CA GLU A 82 15.83 -27.75 -23.96
C GLU A 82 15.16 -29.13 -23.84
N LEU A 83 14.51 -29.61 -24.91
CA LEU A 83 13.86 -30.93 -24.93
C LEU A 83 14.60 -31.91 -25.86
N SER A 84 15.37 -32.82 -25.24
CA SER A 84 16.17 -33.83 -25.91
C SER A 84 15.37 -35.11 -26.24
N SER A 85 15.88 -35.90 -27.22
CA SER A 85 15.32 -37.19 -27.70
C SER A 85 13.83 -37.09 -28.06
N LEU A 86 13.49 -36.14 -28.95
CA LEU A 86 12.13 -35.86 -29.41
C LEU A 86 11.45 -37.04 -30.09
N ARG A 87 10.13 -37.15 -29.93
CA ARG A 87 9.32 -38.21 -30.53
C ARG A 87 7.94 -37.67 -30.97
N SER A 88 7.09 -38.55 -31.56
CA SER A 88 5.77 -38.21 -32.07
C SER A 88 4.86 -37.50 -31.08
N GLU A 89 4.69 -38.06 -29.87
CA GLU A 89 3.82 -37.47 -28.84
C GLU A 89 4.28 -36.09 -28.33
N ASP A 90 5.53 -35.68 -28.64
CA ASP A 90 6.05 -34.37 -28.24
C ASP A 90 5.50 -33.22 -29.10
N THR A 91 4.70 -33.55 -30.15
CA THR A 91 4.05 -32.58 -31.02
C THR A 91 3.00 -31.86 -30.18
N ALA A 92 3.31 -30.60 -29.80
CA ALA A 92 2.47 -29.77 -28.94
C ALA A 92 2.86 -28.29 -29.04
N VAL A 93 2.07 -27.42 -28.39
CA VAL A 93 2.35 -25.99 -28.28
C VAL A 93 2.94 -25.78 -26.88
N TYR A 94 4.17 -25.27 -26.81
CA TYR A 94 4.92 -25.08 -25.58
C TYR A 94 4.89 -23.62 -25.10
N TYR A 95 4.38 -23.40 -23.88
CA TYR A 95 4.23 -22.09 -23.25
C TYR A 95 5.19 -21.88 -22.10
N CYS A 96 5.70 -20.64 -21.96
CA CYS A 96 6.48 -20.24 -20.79
C CYS A 96 5.57 -19.31 -20.00
N ALA A 97 5.61 -19.41 -18.65
CA ALA A 97 4.72 -18.63 -17.81
C ALA A 97 5.41 -18.23 -16.54
N ARG A 98 5.11 -17.01 -16.06
CA ARG A 98 5.72 -16.51 -14.85
C ARG A 98 4.90 -16.79 -13.61
N GLU A 99 5.58 -17.27 -12.55
CA GLU A 99 5.04 -17.42 -11.21
C GLU A 99 5.34 -16.04 -10.59
N PRO A 100 4.33 -15.17 -10.37
CA PRO A 100 4.65 -13.82 -9.87
C PRO A 100 5.02 -13.75 -8.39
N ASP A 101 5.74 -12.69 -8.02
CA ASP A 101 6.15 -12.42 -6.65
C ASP A 101 5.66 -11.02 -6.30
N TYR A 102 5.13 -10.84 -5.10
CA TYR A 102 4.67 -9.54 -4.61
C TYR A 102 5.66 -9.02 -3.57
N TYR A 103 5.98 -7.72 -3.63
CA TYR A 103 6.96 -7.13 -2.72
C TYR A 103 6.53 -5.73 -2.28
N ASP A 104 6.56 -5.48 -0.97
CA ASP A 104 6.23 -4.20 -0.34
C ASP A 104 7.01 -4.00 0.97
N SER A 105 6.64 -2.98 1.77
CA SER A 105 7.31 -2.64 3.02
C SER A 105 7.11 -3.72 4.08
N SER A 106 5.95 -4.41 4.04
CA SER A 106 5.62 -5.48 4.99
C SER A 106 6.35 -6.81 4.70
N GLY A 107 6.84 -6.97 3.47
CA GLY A 107 7.58 -8.16 3.10
C GLY A 107 7.43 -8.64 1.68
N TYR A 108 8.03 -9.82 1.40
CA TYR A 108 8.05 -10.53 0.12
C TYR A 108 7.03 -11.67 0.16
N TYR A 109 6.09 -11.66 -0.78
CA TYR A 109 4.98 -12.60 -0.86
C TYR A 109 4.97 -13.36 -2.19
N PRO A 110 5.39 -14.64 -2.24
CA PRO A 110 5.36 -15.37 -3.51
C PRO A 110 3.95 -15.85 -3.89
N ILE A 111 3.63 -15.84 -5.19
CA ILE A 111 2.34 -16.31 -5.70
C ILE A 111 2.53 -17.62 -6.45
N ASP A 112 1.80 -18.66 -6.01
CA ASP A 112 1.85 -19.99 -6.62
C ASP A 112 0.76 -20.14 -7.70
N ALA A 113 0.92 -19.38 -8.78
CA ALA A 113 -0.01 -19.29 -9.91
C ALA A 113 0.73 -18.78 -11.17
N PHE A 114 0.02 -18.67 -12.32
CA PHE A 114 0.65 -18.20 -13.56
C PHE A 114 -0.14 -17.04 -14.13
N ASP A 115 0.34 -15.80 -13.86
CA ASP A 115 -0.32 -14.54 -14.20
C ASP A 115 -0.16 -14.15 -15.67
N ILE A 116 1.10 -14.08 -16.14
CA ILE A 116 1.40 -13.78 -17.53
C ILE A 116 1.97 -15.02 -18.18
N TRP A 117 1.62 -15.22 -19.44
CA TRP A 117 2.03 -16.35 -20.25
C TRP A 117 2.66 -15.86 -21.56
N GLY A 118 3.46 -16.69 -22.19
CA GLY A 118 4.06 -16.40 -23.48
C GLY A 118 3.04 -16.64 -24.58
N GLN A 119 3.35 -16.23 -25.82
CA GLN A 119 2.45 -16.41 -26.97
C GLN A 119 2.26 -17.91 -27.33
N GLY A 120 3.32 -18.68 -27.14
CA GLY A 120 3.31 -20.11 -27.46
C GLY A 120 4.21 -20.44 -28.63
N THR A 121 4.97 -21.55 -28.50
CA THR A 121 5.86 -22.07 -29.54
C THR A 121 5.33 -23.43 -29.99
N THR A 122 4.84 -23.49 -31.23
CA THR A 122 4.31 -24.74 -31.78
C THR A 122 5.46 -25.63 -32.22
N VAL A 123 5.52 -26.87 -31.69
CA VAL A 123 6.57 -27.82 -32.05
C VAL A 123 5.96 -28.99 -32.81
N THR A 124 6.33 -29.16 -34.08
CA THR A 124 5.82 -30.26 -34.87
C THR A 124 6.97 -31.24 -35.20
N VAL A 125 6.71 -32.53 -34.96
CA VAL A 125 7.69 -33.58 -35.18
C VAL A 125 7.27 -34.46 -36.33
N SER A 126 8.28 -34.93 -37.10
CA SER A 126 8.08 -35.86 -38.20
C SER A 126 8.08 -37.29 -37.61
N SER A 127 7.26 -38.28 -38.10
CA SER A 127 6.27 -38.27 -39.21
C SER A 127 6.85 -38.02 -40.61
N SER B 2 -0.41 -38.06 -11.81
CA SER B 2 -1.73 -38.01 -12.46
C SER B 2 -2.18 -36.55 -12.66
N ALA B 3 -3.48 -36.31 -12.91
CA ALA B 3 -4.03 -34.96 -13.12
C ALA B 3 -5.22 -34.66 -12.19
N LEU B 4 -5.61 -33.37 -12.13
CA LEU B 4 -6.75 -32.95 -11.30
C LEU B 4 -8.05 -33.26 -12.04
N THR B 5 -9.01 -33.85 -11.33
CA THR B 5 -10.28 -34.28 -11.93
C THR B 5 -11.28 -33.13 -12.08
N GLN B 6 -11.66 -32.85 -13.34
CA GLN B 6 -12.71 -31.88 -13.65
C GLN B 6 -13.64 -32.45 -14.75
N PRO B 7 -14.94 -32.06 -14.77
CA PRO B 7 -15.83 -32.58 -15.82
C PRO B 7 -15.36 -32.11 -17.19
N ALA B 8 -15.45 -32.95 -18.24
CA ALA B 8 -14.98 -32.58 -19.57
C ALA B 8 -15.71 -31.37 -20.11
N SER B 9 -17.02 -31.25 -19.81
CA SER B 9 -17.85 -30.14 -20.25
C SER B 9 -19.01 -29.82 -19.30
N VAL B 10 -19.47 -28.54 -19.29
CA VAL B 10 -20.65 -28.05 -18.56
C VAL B 10 -21.52 -27.19 -19.50
N SER B 11 -22.83 -27.50 -19.57
CA SER B 11 -23.74 -26.73 -20.42
C SER B 11 -24.76 -25.98 -19.57
N ALA B 12 -24.98 -24.68 -19.87
CA ALA B 12 -25.94 -23.84 -19.15
C ALA B 12 -26.53 -22.71 -19.99
N SER B 13 -27.76 -22.31 -19.62
CA SER B 13 -28.51 -21.22 -20.25
C SER B 13 -27.90 -19.86 -19.82
N PRO B 14 -28.10 -18.74 -20.59
CA PRO B 14 -27.48 -17.46 -20.18
C PRO B 14 -28.09 -16.82 -18.93
N GLY B 15 -27.22 -16.18 -18.14
CA GLY B 15 -27.57 -15.50 -16.90
C GLY B 15 -27.75 -16.43 -15.72
N GLN B 16 -27.30 -17.67 -15.85
CA GLN B 16 -27.43 -18.72 -14.84
C GLN B 16 -26.05 -19.06 -14.30
N SER B 17 -25.87 -19.02 -12.97
CA SER B 17 -24.59 -19.40 -12.35
C SER B 17 -24.29 -20.89 -12.47
N ILE B 18 -23.00 -21.23 -12.68
CA ILE B 18 -22.49 -22.59 -12.78
C ILE B 18 -21.22 -22.77 -11.96
N THR B 19 -21.07 -23.96 -11.33
CA THR B 19 -19.90 -24.31 -10.53
C THR B 19 -19.12 -25.46 -11.20
N ILE B 20 -17.80 -25.29 -11.34
CA ILE B 20 -16.90 -26.27 -11.94
C ILE B 20 -16.05 -26.89 -10.83
N SER B 21 -16.16 -28.21 -10.63
CA SER B 21 -15.39 -28.94 -9.62
C SER B 21 -13.97 -29.26 -10.11
N CYS B 22 -13.04 -29.39 -9.16
CA CYS B 22 -11.63 -29.70 -9.36
C CYS B 22 -11.21 -30.57 -8.18
N THR B 23 -11.13 -31.90 -8.42
CA THR B 23 -10.79 -32.87 -7.39
C THR B 23 -9.33 -33.32 -7.51
N GLY B 24 -8.57 -33.05 -6.46
CA GLY B 24 -7.17 -33.45 -6.34
C GLY B 24 -6.98 -34.40 -5.17
N THR B 25 -5.76 -34.41 -4.63
CA THR B 25 -5.35 -35.25 -3.51
C THR B 25 -4.83 -34.38 -2.37
N SER B 26 -4.40 -35.01 -1.28
CA SER B 26 -3.84 -34.37 -0.10
C SER B 26 -2.46 -33.78 -0.38
N SER B 27 -1.76 -34.29 -1.40
CA SER B 27 -0.45 -33.82 -1.82
C SER B 27 -0.48 -32.57 -2.73
N ASP B 28 -1.68 -32.13 -3.16
CA ASP B 28 -1.86 -30.94 -3.99
C ASP B 28 -3.01 -30.03 -3.49
N VAL B 29 -4.27 -30.21 -4.03
CA VAL B 29 -5.47 -29.41 -3.68
C VAL B 29 -5.71 -29.39 -2.15
N GLY B 30 -5.63 -30.56 -1.53
CA GLY B 30 -5.83 -30.71 -0.09
C GLY B 30 -4.64 -30.39 0.78
N ALA B 31 -3.52 -29.88 0.21
CA ALA B 31 -2.32 -29.56 1.01
C ALA B 31 -2.44 -28.15 1.56
N TYR B 32 -2.42 -27.14 0.67
CA TYR B 32 -2.52 -25.72 0.98
C TYR B 32 -3.45 -25.03 -0.01
N ASP B 33 -3.66 -23.72 0.18
CA ASP B 33 -4.51 -22.87 -0.64
C ASP B 33 -3.86 -22.48 -1.97
N TRP B 34 -2.78 -23.15 -2.38
CA TRP B 34 -2.04 -22.87 -3.63
C TRP B 34 -2.76 -23.37 -4.91
N VAL B 35 -4.09 -23.12 -5.00
CA VAL B 35 -4.94 -23.56 -6.11
C VAL B 35 -5.30 -22.39 -7.04
N SER B 36 -5.05 -22.51 -8.34
CA SER B 36 -5.36 -21.44 -9.29
C SER B 36 -6.35 -21.87 -10.38
N TRP B 37 -7.03 -20.88 -11.01
CA TRP B 37 -8.01 -21.11 -12.07
C TRP B 37 -7.65 -20.32 -13.30
N TYR B 38 -7.88 -20.91 -14.50
CA TYR B 38 -7.53 -20.30 -15.78
C TYR B 38 -8.62 -20.42 -16.83
N GLN B 39 -8.85 -19.32 -17.56
CA GLN B 39 -9.77 -19.27 -18.68
C GLN B 39 -8.93 -19.36 -19.95
N GLN B 40 -9.27 -20.26 -20.87
CA GLN B 40 -8.56 -20.42 -22.13
C GLN B 40 -9.50 -20.39 -23.31
N HIS B 41 -9.40 -19.35 -24.16
CA HIS B 41 -10.21 -19.29 -25.38
C HIS B 41 -9.49 -20.10 -26.45
N PRO B 42 -10.21 -20.93 -27.24
CA PRO B 42 -9.53 -21.76 -28.25
C PRO B 42 -8.42 -21.08 -29.04
N GLY B 43 -7.26 -21.69 -28.99
CA GLY B 43 -6.06 -21.21 -29.68
C GLY B 43 -5.26 -20.10 -29.02
N LYS B 44 -5.78 -19.54 -27.90
CA LYS B 44 -5.13 -18.46 -27.15
C LYS B 44 -4.49 -18.93 -25.85
N ALA B 45 -3.44 -18.21 -25.39
CA ALA B 45 -2.72 -18.49 -24.15
C ALA B 45 -3.67 -18.36 -22.94
N PRO B 46 -3.55 -19.23 -21.89
CA PRO B 46 -4.47 -19.12 -20.74
C PRO B 46 -4.41 -17.79 -20.00
N LYS B 47 -5.52 -17.43 -19.34
CA LYS B 47 -5.64 -16.20 -18.55
C LYS B 47 -5.98 -16.57 -17.10
N LEU B 48 -5.14 -16.10 -16.16
CA LEU B 48 -5.33 -16.33 -14.74
C LEU B 48 -6.60 -15.62 -14.27
N LEU B 49 -7.54 -16.40 -13.70
CA LEU B 49 -8.81 -15.86 -13.18
C LEU B 49 -8.73 -15.75 -11.67
N ILE B 50 -8.27 -16.81 -11.01
CA ILE B 50 -8.19 -16.94 -9.56
C ILE B 50 -6.80 -17.47 -9.18
N PHE B 51 -6.20 -16.90 -8.14
CA PHE B 51 -4.96 -17.36 -7.54
C PHE B 51 -5.31 -17.52 -6.08
N ASP B 52 -4.54 -18.35 -5.35
CA ASP B 52 -4.80 -18.67 -3.94
C ASP B 52 -6.07 -19.50 -3.97
N VAL B 53 -7.12 -19.16 -3.25
CA VAL B 53 -8.31 -19.99 -3.48
C VAL B 53 -9.45 -19.13 -4.07
N ASN B 54 -9.52 -17.86 -3.65
CA ASN B 54 -10.57 -16.91 -3.97
C ASN B 54 -10.08 -15.57 -4.48
N ASN B 55 -8.76 -15.36 -4.48
CA ASN B 55 -8.18 -14.10 -4.89
C ASN B 55 -8.17 -13.88 -6.41
N ARG B 56 -8.86 -12.82 -6.86
CA ARG B 56 -8.97 -12.44 -8.26
C ARG B 56 -7.94 -11.34 -8.54
N PRO B 57 -7.12 -11.46 -9.61
CA PRO B 57 -6.21 -10.35 -9.94
C PRO B 57 -6.99 -9.17 -10.52
N SER B 58 -6.37 -7.98 -10.55
CA SER B 58 -6.98 -6.78 -11.13
C SER B 58 -7.41 -7.01 -12.57
N GLY B 59 -8.61 -6.53 -12.90
CA GLY B 59 -9.18 -6.67 -14.24
C GLY B 59 -10.10 -7.87 -14.43
N VAL B 60 -10.07 -8.84 -13.50
CA VAL B 60 -10.91 -10.04 -13.57
C VAL B 60 -12.27 -9.77 -12.91
N SER B 61 -13.37 -10.05 -13.65
CA SER B 61 -14.76 -9.86 -13.20
C SER B 61 -15.04 -10.64 -11.92
N HIS B 62 -15.85 -10.07 -11.00
CA HIS B 62 -16.19 -10.71 -9.74
C HIS B 62 -17.29 -11.79 -9.90
N ARG B 63 -17.70 -12.05 -11.17
CA ARG B 63 -18.65 -13.11 -11.53
C ARG B 63 -17.94 -14.44 -11.34
N PHE B 64 -16.60 -14.46 -11.54
CA PHE B 64 -15.73 -15.61 -11.32
C PHE B 64 -15.32 -15.63 -9.84
N SER B 65 -15.71 -16.68 -9.11
CA SER B 65 -15.34 -16.80 -7.70
C SER B 65 -14.88 -18.21 -7.37
N GLY B 66 -13.81 -18.31 -6.58
CA GLY B 66 -13.25 -19.61 -6.21
C GLY B 66 -13.50 -20.03 -4.79
N SER B 67 -13.54 -21.34 -4.57
CA SER B 67 -13.75 -21.94 -3.24
C SER B 67 -12.98 -23.25 -3.13
N LYS B 68 -12.80 -23.74 -1.88
CA LYS B 68 -12.09 -24.99 -1.59
C LYS B 68 -12.57 -25.60 -0.30
N SER B 69 -12.65 -26.93 -0.28
CA SER B 69 -13.05 -27.72 0.86
C SER B 69 -12.40 -29.09 0.65
N GLY B 70 -11.43 -29.40 1.51
CA GLY B 70 -10.65 -30.64 1.44
C GLY B 70 -9.86 -30.76 0.15
N ASN B 71 -9.97 -31.90 -0.52
CA ASN B 71 -9.28 -32.18 -1.79
C ASN B 71 -10.02 -31.60 -3.01
N THR B 72 -11.14 -30.89 -2.78
CA THR B 72 -11.97 -30.33 -3.82
C THR B 72 -12.00 -28.81 -3.87
N ALA B 73 -11.70 -28.26 -5.04
CA ALA B 73 -11.69 -26.84 -5.37
C ALA B 73 -12.80 -26.58 -6.39
N SER B 74 -13.38 -25.37 -6.40
CA SER B 74 -14.44 -25.04 -7.35
C SER B 74 -14.36 -23.64 -7.89
N LEU B 75 -14.94 -23.42 -9.07
CA LEU B 75 -15.01 -22.12 -9.74
C LEU B 75 -16.47 -21.85 -10.07
N THR B 76 -17.02 -20.77 -9.52
CA THR B 76 -18.39 -20.36 -9.78
C THR B 76 -18.38 -19.17 -10.73
N ILE B 77 -19.13 -19.29 -11.83
CA ILE B 77 -19.26 -18.23 -12.84
C ILE B 77 -20.70 -17.70 -12.77
N SER B 78 -20.90 -16.57 -12.09
CA SER B 78 -22.20 -15.93 -11.91
C SER B 78 -22.65 -15.22 -13.18
N GLY B 79 -23.97 -15.15 -13.40
CA GLY B 79 -24.59 -14.51 -14.57
C GLY B 79 -23.87 -14.80 -15.87
N LEU B 80 -23.76 -16.10 -16.19
CA LEU B 80 -23.07 -16.65 -17.37
C LEU B 80 -23.44 -15.96 -18.68
N GLN B 81 -22.43 -15.42 -19.36
CA GLN B 81 -22.57 -14.74 -20.65
C GLN B 81 -22.00 -15.60 -21.79
N ALA B 82 -22.26 -15.21 -23.05
CA ALA B 82 -21.77 -15.93 -24.24
C ALA B 82 -20.24 -15.91 -24.34
N GLU B 83 -19.61 -14.79 -23.92
CA GLU B 83 -18.16 -14.59 -23.91
C GLU B 83 -17.45 -15.51 -22.89
N ASP B 84 -18.22 -16.06 -21.93
CA ASP B 84 -17.69 -16.99 -20.93
C ASP B 84 -17.41 -18.34 -21.57
N GLU B 85 -18.03 -18.63 -22.74
CA GLU B 85 -17.82 -19.86 -23.52
C GLU B 85 -16.32 -20.01 -23.77
N ALA B 86 -15.69 -20.93 -23.01
CA ALA B 86 -14.27 -21.22 -23.05
C ALA B 86 -13.98 -22.52 -22.30
N ASP B 87 -12.68 -22.86 -22.21
CA ASP B 87 -12.16 -23.98 -21.45
C ASP B 87 -11.60 -23.45 -20.14
N TYR B 88 -11.84 -24.17 -19.04
CA TYR B 88 -11.40 -23.76 -17.71
C TYR B 88 -10.55 -24.81 -17.02
N TYR B 89 -9.33 -24.43 -16.62
CA TYR B 89 -8.40 -25.33 -15.97
C TYR B 89 -8.10 -24.86 -14.57
N CYS B 90 -8.06 -25.80 -13.64
CA CYS B 90 -7.60 -25.51 -12.30
C CYS B 90 -6.18 -26.01 -12.27
N ALA B 91 -5.38 -25.46 -11.39
CA ALA B 91 -4.01 -25.88 -11.19
C ALA B 91 -3.74 -25.82 -9.70
N SER B 92 -2.77 -26.61 -9.25
CA SER B 92 -2.35 -26.64 -7.87
C SER B 92 -0.90 -27.02 -7.82
N ALA B 93 -0.17 -26.42 -6.88
CA ALA B 93 1.22 -26.78 -6.65
C ALA B 93 1.17 -28.05 -5.79
N THR B 94 2.25 -28.86 -5.78
CA THR B 94 2.23 -30.09 -4.99
C THR B 94 3.32 -30.11 -3.93
N LEU B 95 3.26 -31.11 -3.00
CA LEU B 95 4.27 -31.31 -1.97
C LEU B 95 5.59 -31.79 -2.60
N LEU B 96 5.54 -32.21 -3.89
CA LEU B 96 6.71 -32.64 -4.66
C LEU B 96 7.46 -31.46 -5.29
N ASP B 97 7.02 -30.22 -4.98
CA ASP B 97 7.59 -28.97 -5.49
C ASP B 97 7.43 -28.89 -7.03
N THR B 98 6.23 -29.27 -7.49
CA THR B 98 5.81 -29.28 -8.88
C THR B 98 4.44 -28.63 -8.96
N TYR B 99 3.84 -28.62 -10.17
CA TYR B 99 2.48 -28.13 -10.41
C TYR B 99 1.71 -29.20 -11.11
N VAL B 100 0.40 -29.24 -10.91
CA VAL B 100 -0.48 -30.20 -11.55
C VAL B 100 -1.72 -29.49 -12.06
N PHE B 101 -2.03 -29.70 -13.33
CA PHE B 101 -3.18 -29.10 -13.97
C PHE B 101 -4.34 -30.04 -13.94
N GLY B 102 -5.53 -29.46 -14.00
CA GLY B 102 -6.78 -30.19 -14.10
C GLY B 102 -6.97 -30.66 -15.53
N THR B 103 -7.89 -31.59 -15.76
CA THR B 103 -8.19 -32.16 -17.08
C THR B 103 -8.76 -31.10 -18.03
N GLY B 104 -9.52 -30.16 -17.49
CA GLY B 104 -10.13 -29.09 -18.27
C GLY B 104 -11.62 -29.23 -18.42
N THR B 105 -12.34 -28.10 -18.33
CA THR B 105 -13.79 -28.04 -18.44
C THR B 105 -14.24 -27.10 -19.56
N LYS B 106 -14.88 -27.66 -20.58
CA LYS B 106 -15.41 -26.91 -21.71
C LYS B 106 -16.78 -26.34 -21.30
N VAL B 107 -16.93 -25.01 -21.25
CA VAL B 107 -18.25 -24.47 -20.90
C VAL B 107 -18.97 -24.04 -22.17
N THR B 108 -20.28 -24.31 -22.24
CA THR B 108 -21.10 -23.94 -23.40
C THR B 108 -22.39 -23.26 -22.95
N VAL B 109 -22.81 -22.24 -23.72
CA VAL B 109 -24.01 -21.45 -23.43
C VAL B 109 -25.10 -21.69 -24.48
N LEU B 110 -26.29 -22.10 -24.03
CA LEU B 110 -27.43 -22.40 -24.89
C LEU B 110 -28.64 -21.51 -24.59
N GLN C 1 -15.36 15.88 -2.36
CA GLN C 1 -14.95 15.39 -1.04
C GLN C 1 -15.57 16.22 0.10
N VAL C 2 -15.30 15.83 1.36
CA VAL C 2 -15.77 16.47 2.59
C VAL C 2 -15.48 17.99 2.61
N GLN C 3 -16.43 18.78 3.14
CA GLN C 3 -16.34 20.25 3.21
C GLN C 3 -16.86 20.74 4.55
N LEU C 4 -16.00 21.46 5.31
CA LEU C 4 -16.33 22.01 6.62
C LEU C 4 -17.25 23.24 6.52
N VAL C 5 -18.54 23.06 6.84
CA VAL C 5 -19.51 24.15 6.77
C VAL C 5 -19.60 24.84 8.13
N GLN C 6 -19.29 26.13 8.14
CA GLN C 6 -19.30 26.96 9.34
C GLN C 6 -20.63 27.71 9.51
N SER C 7 -20.87 28.28 10.70
CA SER C 7 -22.03 29.12 11.05
C SER C 7 -21.92 30.49 10.35
N GLY C 8 -23.05 31.20 10.25
CA GLY C 8 -23.10 32.51 9.60
C GLY C 8 -22.44 33.63 10.37
N ALA C 9 -22.15 34.74 9.68
CA ALA C 9 -21.51 35.94 10.24
C ALA C 9 -22.41 36.64 11.24
N GLU C 10 -21.84 37.18 12.33
CA GLU C 10 -22.65 37.90 13.34
C GLU C 10 -21.94 39.08 13.98
N VAL C 11 -22.73 40.10 14.36
CA VAL C 11 -22.30 41.34 15.01
C VAL C 11 -22.44 41.14 16.52
N LYS C 12 -21.41 41.55 17.27
CA LYS C 12 -21.41 41.40 18.73
C LYS C 12 -20.95 42.65 19.44
N LYS C 13 -21.57 42.92 20.60
CA LYS C 13 -21.21 44.04 21.46
C LYS C 13 -20.06 43.56 22.37
N PRO C 14 -19.19 44.47 22.88
CA PRO C 14 -18.05 44.03 23.69
C PRO C 14 -18.44 43.47 25.05
N GLY C 15 -17.80 42.37 25.46
CA GLY C 15 -18.09 41.70 26.71
C GLY C 15 -19.08 40.56 26.59
N SER C 16 -19.50 40.25 25.36
CA SER C 16 -20.41 39.14 25.03
C SER C 16 -19.62 37.87 24.62
N SER C 17 -20.34 36.76 24.36
CA SER C 17 -19.75 35.49 23.94
C SER C 17 -20.34 35.01 22.61
N VAL C 18 -19.47 34.63 21.66
CA VAL C 18 -19.86 34.12 20.35
C VAL C 18 -19.46 32.65 20.21
N LYS C 19 -20.43 31.80 19.81
CA LYS C 19 -20.21 30.37 19.60
C LYS C 19 -20.37 30.09 18.10
N VAL C 20 -19.25 29.76 17.44
CA VAL C 20 -19.23 29.47 16.00
C VAL C 20 -19.14 27.96 15.78
N SER C 21 -20.11 27.40 15.04
CA SER C 21 -20.15 25.97 14.72
C SER C 21 -19.35 25.68 13.43
N CYS C 22 -19.00 24.41 13.23
CA CYS C 22 -18.23 23.91 12.08
C CYS C 22 -18.63 22.45 11.88
N LYS C 23 -19.43 22.21 10.85
CA LYS C 23 -19.96 20.90 10.47
C LYS C 23 -18.99 20.21 9.52
N ALA C 24 -18.69 18.92 9.79
CA ALA C 24 -17.80 18.14 8.93
C ALA C 24 -18.55 17.69 7.68
N SER C 25 -19.68 16.96 7.85
CA SER C 25 -20.55 16.42 6.79
C SER C 25 -19.78 15.67 5.66
N GLY C 26 -20.17 15.89 4.40
CA GLY C 26 -19.57 15.31 3.21
C GLY C 26 -19.38 13.80 3.26
N GLY C 27 -18.11 13.39 3.30
CA GLY C 27 -17.73 11.99 3.41
C GLY C 27 -18.04 11.43 4.78
N THR C 28 -18.59 10.21 4.83
CA THR C 28 -18.98 9.53 6.07
C THR C 28 -17.75 9.06 6.87
N PHE C 29 -17.12 9.99 7.64
CA PHE C 29 -15.92 9.71 8.44
C PHE C 29 -15.71 10.62 9.66
N SER C 30 -14.56 10.41 10.34
CA SER C 30 -13.95 11.12 11.48
C SER C 30 -12.61 10.42 11.78
N SER C 31 -12.24 10.25 13.07
CA SER C 31 -11.00 9.62 13.59
C SER C 31 -9.70 10.38 13.22
N TYR C 32 -9.84 11.70 12.93
CA TYR C 32 -8.77 12.64 12.59
C TYR C 32 -8.83 13.83 13.59
N ALA C 33 -8.31 15.03 13.23
CA ALA C 33 -8.36 16.19 14.12
C ALA C 33 -8.74 17.47 13.36
N ILE C 34 -9.24 18.52 14.05
CA ILE C 34 -9.55 19.81 13.46
C ILE C 34 -8.93 20.95 14.31
N SER C 35 -8.96 22.20 13.81
CA SER C 35 -8.36 23.37 14.43
C SER C 35 -9.09 24.67 14.05
N TRP C 36 -8.85 25.75 14.81
CA TRP C 36 -9.44 27.06 14.57
C TRP C 36 -8.37 28.11 14.35
N VAL C 37 -8.47 28.82 13.20
CA VAL C 37 -7.53 29.85 12.73
C VAL C 37 -8.29 31.19 12.48
N ARG C 38 -7.85 32.32 13.08
CA ARG C 38 -8.52 33.60 12.85
C ARG C 38 -7.67 34.58 12.04
N GLN C 39 -8.32 35.32 11.12
CA GLN C 39 -7.66 36.30 10.23
C GLN C 39 -8.23 37.72 10.31
N ALA C 40 -7.39 38.67 10.76
CA ALA C 40 -7.69 40.10 10.82
C ALA C 40 -8.01 40.57 9.40
N PRO C 41 -8.94 41.54 9.18
CA PRO C 41 -9.31 41.90 7.80
C PRO C 41 -8.13 42.02 6.84
N GLY C 42 -8.17 41.18 5.81
CA GLY C 42 -7.17 41.12 4.76
C GLY C 42 -6.00 40.20 5.02
N GLN C 43 -5.12 40.59 5.98
CA GLN C 43 -3.92 39.85 6.32
C GLN C 43 -3.77 39.56 7.83
N GLY C 44 -2.96 38.54 8.13
CA GLY C 44 -2.63 38.11 9.48
C GLY C 44 -3.46 36.96 10.00
N LEU C 45 -3.07 35.70 9.65
CA LEU C 45 -3.81 34.53 10.13
C LEU C 45 -3.06 33.82 11.29
N GLU C 46 -3.78 33.55 12.39
CA GLU C 46 -3.21 32.95 13.59
C GLU C 46 -4.02 31.80 14.16
N TRP C 47 -3.31 30.72 14.52
CA TRP C 47 -3.86 29.50 15.11
C TRP C 47 -4.28 29.79 16.55
N MET C 48 -5.56 29.50 16.88
CA MET C 48 -6.11 29.74 18.21
C MET C 48 -6.11 28.47 19.06
N GLY C 49 -6.39 27.34 18.42
CA GLY C 49 -6.47 26.05 19.06
C GLY C 49 -6.96 24.98 18.12
N GLY C 50 -7.16 23.79 18.67
CA GLY C 50 -7.62 22.62 17.93
C GLY C 50 -8.24 21.56 18.82
N ILE C 51 -8.79 20.50 18.18
CA ILE C 51 -9.45 19.39 18.86
C ILE C 51 -9.30 18.07 18.08
N ILE C 52 -9.11 16.95 18.80
CA ILE C 52 -9.01 15.59 18.26
C ILE C 52 -10.21 14.80 18.85
N PRO C 53 -11.36 14.77 18.11
CA PRO C 53 -12.59 14.12 18.63
C PRO C 53 -12.50 12.66 19.03
N ILE C 54 -11.78 11.82 18.26
CA ILE C 54 -11.65 10.38 18.54
C ILE C 54 -11.29 10.11 20.01
N PHE C 55 -10.39 10.94 20.59
CA PHE C 55 -9.97 10.79 21.98
C PHE C 55 -10.51 11.91 22.88
N GLY C 56 -11.02 12.97 22.26
CA GLY C 56 -11.60 14.11 22.97
C GLY C 56 -10.60 15.14 23.45
N THR C 57 -9.32 15.05 23.01
CA THR C 57 -8.29 16.03 23.44
C THR C 57 -8.41 17.34 22.70
N ALA C 58 -8.16 18.46 23.39
CA ALA C 58 -8.25 19.81 22.83
C ALA C 58 -7.15 20.68 23.40
N ASN C 59 -6.37 21.34 22.53
CA ASN C 59 -5.26 22.23 22.94
C ASN C 59 -5.39 23.62 22.31
N TYR C 60 -4.95 24.68 23.03
CA TYR C 60 -5.02 26.07 22.57
C TYR C 60 -3.71 26.83 22.71
N ALA C 61 -3.61 27.99 22.01
CA ALA C 61 -2.45 28.89 22.08
C ALA C 61 -2.55 29.72 23.37
N GLN C 62 -1.43 29.85 24.12
CA GLN C 62 -1.28 30.53 25.42
C GLN C 62 -2.13 31.79 25.65
N LYS C 63 -2.34 32.62 24.61
CA LYS C 63 -3.09 33.88 24.66
C LYS C 63 -4.63 33.69 24.55
N PHE C 64 -5.06 32.58 23.93
CA PHE C 64 -6.48 32.30 23.66
C PHE C 64 -7.16 31.37 24.67
N GLN C 65 -6.50 30.28 25.09
CA GLN C 65 -6.98 29.21 26.00
C GLN C 65 -8.05 29.64 27.04
N GLY C 66 -7.77 30.72 27.79
CA GLY C 66 -8.68 31.23 28.83
C GLY C 66 -9.99 31.77 28.30
N ARG C 67 -9.92 32.46 27.16
CA ARG C 67 -11.07 33.09 26.48
C ARG C 67 -11.70 32.21 25.39
N VAL C 68 -11.03 31.11 24.98
CA VAL C 68 -11.51 30.22 23.91
C VAL C 68 -11.69 28.78 24.40
N THR C 69 -12.84 28.18 24.04
CA THR C 69 -13.20 26.78 24.35
C THR C 69 -13.72 26.09 23.08
N ILE C 70 -13.15 24.92 22.77
CA ILE C 70 -13.48 24.09 21.60
C ILE C 70 -14.11 22.78 22.06
N THR C 71 -15.28 22.45 21.51
CA THR C 71 -16.06 21.27 21.85
C THR C 71 -16.44 20.52 20.56
N ALA C 72 -16.59 19.19 20.63
CA ALA C 72 -16.94 18.37 19.46
C ALA C 72 -17.90 17.24 19.77
N ASP C 73 -18.68 16.80 18.74
CA ASP C 73 -19.64 15.70 18.82
C ASP C 73 -19.41 14.75 17.65
N GLU C 74 -19.05 13.48 17.95
CA GLU C 74 -18.70 12.43 17.00
C GLU C 74 -19.74 12.14 15.89
N SER C 75 -20.97 11.71 16.25
CA SER C 75 -22.00 11.37 15.27
C SER C 75 -22.61 12.59 14.55
N THR C 76 -22.76 13.73 15.27
CA THR C 76 -23.30 15.00 14.73
C THR C 76 -22.28 15.64 13.80
N SER C 77 -20.96 15.46 14.11
CA SER C 77 -19.81 16.00 13.40
C SER C 77 -19.77 17.53 13.41
N THR C 78 -20.16 18.13 14.56
CA THR C 78 -20.15 19.60 14.74
C THR C 78 -19.11 20.04 15.79
N ALA C 79 -18.12 20.85 15.37
CA ALA C 79 -17.09 21.41 16.23
C ALA C 79 -17.43 22.85 16.53
N TYR C 80 -17.32 23.26 17.81
CA TYR C 80 -17.66 24.62 18.24
C TYR C 80 -16.47 25.46 18.68
N MET C 81 -16.58 26.78 18.48
CA MET C 81 -15.58 27.78 18.85
C MET C 81 -16.26 28.84 19.73
N GLU C 82 -16.11 28.72 21.05
CA GLU C 82 -16.72 29.68 21.98
C GLU C 82 -15.71 30.73 22.46
N LEU C 83 -15.93 32.00 22.04
CA LEU C 83 -15.04 33.11 22.40
C LEU C 83 -15.74 34.12 23.34
N SER C 84 -15.39 34.04 24.63
CA SER C 84 -15.93 34.89 25.70
C SER C 84 -15.18 36.22 25.85
N SER C 85 -15.84 37.21 26.48
CA SER C 85 -15.36 38.58 26.78
C SER C 85 -14.75 39.27 25.54
N LEU C 86 -15.56 39.35 24.47
CA LEU C 86 -15.22 39.96 23.18
C LEU C 86 -14.81 41.42 23.30
N ARG C 87 -13.89 41.85 22.42
CA ARG C 87 -13.39 43.23 22.35
C ARG C 87 -13.12 43.65 20.90
N SER C 88 -12.72 44.92 20.68
CA SER C 88 -12.44 45.52 19.37
C SER C 88 -11.51 44.67 18.50
N GLU C 89 -10.34 44.26 19.04
CA GLU C 89 -9.29 43.48 18.38
C GLU C 89 -9.75 42.07 17.93
N ASP C 90 -10.93 41.62 18.39
CA ASP C 90 -11.49 40.32 18.04
C ASP C 90 -12.25 40.32 16.71
N THR C 91 -12.41 41.52 16.10
CA THR C 91 -13.05 41.70 14.80
C THR C 91 -12.15 41.04 13.75
N ALA C 92 -12.55 39.84 13.30
CA ALA C 92 -11.79 39.02 12.35
C ALA C 92 -12.66 37.97 11.67
N VAL C 93 -12.09 37.24 10.70
CA VAL C 93 -12.75 36.13 10.02
C VAL C 93 -12.17 34.86 10.63
N TYR C 94 -13.04 34.02 11.22
CA TYR C 94 -12.67 32.81 11.94
C TYR C 94 -12.92 31.55 11.10
N TYR C 95 -11.85 30.76 10.86
CA TYR C 95 -11.86 29.54 10.05
C TYR C 95 -11.67 28.29 10.88
N CYS C 96 -12.35 27.20 10.48
CA CYS C 96 -12.14 25.88 11.06
C CYS C 96 -11.44 25.06 9.95
N ALA C 97 -10.45 24.23 10.32
CA ALA C 97 -9.68 23.43 9.35
C ALA C 97 -9.40 22.04 9.90
N ARG C 98 -9.43 20.98 9.05
CA ARG C 98 -9.13 19.62 9.51
C ARG C 98 -7.67 19.29 9.26
N GLU C 99 -7.14 18.36 10.05
CA GLU C 99 -5.79 17.82 9.95
C GLU C 99 -5.84 16.44 9.30
N PRO C 100 -5.31 16.31 8.06
CA PRO C 100 -5.31 15.00 7.38
C PRO C 100 -4.46 13.94 8.06
N ASP C 101 -4.77 12.67 7.78
CA ASP C 101 -4.07 11.47 8.23
C ASP C 101 -4.35 10.40 7.21
N TYR C 102 -3.50 9.39 7.10
CA TYR C 102 -3.73 8.31 6.16
C TYR C 102 -3.45 6.97 6.79
N TYR C 103 -4.43 6.05 6.70
CA TYR C 103 -4.32 4.70 7.24
C TYR C 103 -4.10 3.70 6.10
N ASP C 104 -3.02 2.91 6.22
CA ASP C 104 -2.59 1.92 5.24
C ASP C 104 -2.56 0.53 5.90
N SER C 105 -2.24 -0.53 5.12
CA SER C 105 -2.07 -1.88 5.64
C SER C 105 -0.80 -1.96 6.49
N SER C 106 0.22 -1.14 6.15
CA SER C 106 1.49 -1.04 6.87
C SER C 106 1.41 -0.27 8.20
N GLY C 107 0.36 0.52 8.40
CA GLY C 107 0.15 1.28 9.63
C GLY C 107 -0.59 2.59 9.47
N TYR C 108 -0.72 3.33 10.59
CA TYR C 108 -1.41 4.64 10.62
C TYR C 108 -0.37 5.77 10.64
N TYR C 109 -0.44 6.67 9.65
CA TYR C 109 0.52 7.76 9.45
C TYR C 109 -0.17 9.13 9.55
N PRO C 110 0.00 9.85 10.68
CA PRO C 110 -0.63 11.17 10.81
C PRO C 110 0.09 12.27 10.03
N ILE C 111 -0.68 13.23 9.51
CA ILE C 111 -0.15 14.39 8.77
C ILE C 111 -0.30 15.66 9.61
N ASP C 112 0.81 16.35 9.82
CA ASP C 112 0.87 17.58 10.59
C ASP C 112 0.70 18.81 9.69
N ALA C 113 -0.53 18.96 9.14
CA ALA C 113 -0.92 20.00 8.19
C ALA C 113 -2.45 20.18 8.15
N PHE C 114 -2.97 21.06 7.28
CA PHE C 114 -4.42 21.30 7.14
C PHE C 114 -4.86 21.20 5.66
N ASP C 115 -5.65 20.19 5.29
CA ASP C 115 -6.06 20.11 3.89
C ASP C 115 -7.37 20.83 3.60
N ILE C 116 -8.43 20.55 4.39
CA ILE C 116 -9.76 21.12 4.16
C ILE C 116 -10.15 22.16 5.23
N TRP C 117 -10.43 23.39 4.75
CA TRP C 117 -10.85 24.56 5.54
C TRP C 117 -12.34 24.81 5.35
N GLY C 118 -12.91 25.58 6.27
CA GLY C 118 -14.29 26.04 6.23
C GLY C 118 -14.39 27.30 5.38
N GLN C 119 -15.62 27.74 5.07
CA GLN C 119 -15.82 28.95 4.26
C GLN C 119 -15.37 30.22 5.01
N GLY C 120 -15.53 30.22 6.33
CA GLY C 120 -15.16 31.32 7.18
C GLY C 120 -16.35 32.04 7.79
N THR C 121 -16.22 32.43 9.06
CA THR C 121 -17.25 33.16 9.80
C THR C 121 -16.71 34.53 10.18
N THR C 122 -17.27 35.58 9.55
CA THR C 122 -16.84 36.96 9.82
C THR C 122 -17.47 37.42 11.13
N VAL C 123 -16.64 37.84 12.09
CA VAL C 123 -17.13 38.32 13.40
C VAL C 123 -16.86 39.81 13.52
N THR C 124 -17.94 40.59 13.65
CA THR C 124 -17.87 42.05 13.75
C THR C 124 -18.12 42.47 15.20
N VAL C 125 -17.18 43.22 15.80
CA VAL C 125 -17.32 43.74 17.16
C VAL C 125 -17.48 45.27 17.09
N SER C 126 -18.74 45.75 17.22
CA SER C 126 -19.09 47.18 17.15
C SER C 126 -19.08 47.87 18.51
N SER C 127 -18.37 49.01 18.61
CA SER C 127 -18.25 49.83 19.83
C SER C 127 -18.78 51.24 19.61
N GLN D 1 3.08 32.35 21.59
CA GLN D 1 4.42 32.62 21.09
C GLN D 1 4.43 33.43 19.77
N SER D 2 5.62 33.56 19.16
CA SER D 2 5.85 34.31 17.91
C SER D 2 5.60 33.45 16.66
N ALA D 3 5.09 34.07 15.59
CA ALA D 3 4.81 33.42 14.30
C ALA D 3 6.12 33.08 13.55
N LEU D 4 6.03 32.25 12.51
CA LEU D 4 7.21 31.91 11.72
C LEU D 4 7.50 33.07 10.79
N THR D 5 8.78 33.39 10.61
CA THR D 5 9.23 34.52 9.81
C THR D 5 9.33 34.21 8.32
N GLN D 6 8.58 34.98 7.53
CA GLN D 6 8.52 34.91 6.09
C GLN D 6 8.68 36.33 5.52
N PRO D 7 9.26 36.54 4.32
CA PRO D 7 9.24 37.90 3.75
C PRO D 7 7.79 38.25 3.38
N ALA D 8 7.35 39.50 3.65
CA ALA D 8 5.98 39.91 3.36
C ALA D 8 5.62 39.76 1.90
N SER D 9 6.58 40.04 1.01
CA SER D 9 6.39 39.94 -0.43
C SER D 9 7.67 39.59 -1.18
N VAL D 10 7.49 38.98 -2.35
CA VAL D 10 8.55 38.55 -3.24
C VAL D 10 8.07 38.85 -4.66
N SER D 11 8.93 39.46 -5.48
CA SER D 11 8.62 39.78 -6.87
C SER D 11 9.70 39.19 -7.76
N ALA D 12 9.32 38.57 -8.89
CA ALA D 12 10.31 37.94 -9.77
C ALA D 12 10.03 38.08 -11.26
N SER D 13 11.11 37.98 -12.07
CA SER D 13 11.07 38.01 -13.52
C SER D 13 10.32 36.74 -13.97
N PRO D 14 9.20 36.89 -14.71
CA PRO D 14 8.41 35.70 -15.08
C PRO D 14 9.14 34.71 -15.99
N GLY D 15 9.32 33.48 -15.49
CA GLY D 15 9.96 32.42 -16.24
C GLY D 15 10.93 31.52 -15.50
N GLN D 16 11.64 32.05 -14.47
CA GLN D 16 12.64 31.24 -13.76
C GLN D 16 12.21 30.86 -12.31
N SER D 17 13.17 30.45 -11.46
CA SER D 17 12.91 29.94 -10.11
C SER D 17 13.10 30.96 -8.99
N ILE D 18 12.28 30.82 -7.92
CA ILE D 18 12.31 31.67 -6.72
C ILE D 18 12.11 30.82 -5.45
N THR D 19 12.86 31.17 -4.38
CA THR D 19 12.81 30.49 -3.10
C THR D 19 12.21 31.40 -2.00
N ILE D 20 11.26 30.85 -1.22
CA ILE D 20 10.59 31.55 -0.11
C ILE D 20 11.07 30.97 1.21
N SER D 21 11.69 31.78 2.06
CA SER D 21 12.19 31.36 3.37
C SER D 21 11.08 31.34 4.43
N CYS D 22 11.27 30.49 5.45
CA CYS D 22 10.37 30.30 6.59
C CYS D 22 11.25 29.99 7.79
N THR D 23 11.47 31.00 8.65
CA THR D 23 12.34 30.90 9.82
C THR D 23 11.53 30.72 11.11
N GLY D 24 11.77 29.60 11.77
CA GLY D 24 11.17 29.29 13.06
C GLY D 24 12.21 29.10 14.14
N THR D 25 11.87 28.27 15.14
CA THR D 25 12.76 27.94 16.27
C THR D 25 12.94 26.41 16.33
N SER D 26 13.70 25.95 17.31
CA SER D 26 13.96 24.53 17.56
C SER D 26 12.70 23.82 18.09
N SER D 27 11.71 24.59 18.59
CA SER D 27 10.44 24.09 19.12
C SER D 27 9.49 23.70 18.00
N ASP D 28 9.64 24.33 16.80
CA ASP D 28 8.77 24.10 15.66
C ASP D 28 9.50 23.63 14.38
N VAL D 29 10.03 24.55 13.54
CA VAL D 29 10.71 24.20 12.29
C VAL D 29 12.00 23.38 12.53
N GLY D 30 12.75 23.74 13.56
CA GLY D 30 13.99 23.09 13.93
C GLY D 30 13.84 21.69 14.51
N ALA D 31 12.66 21.38 15.08
CA ALA D 31 12.35 20.10 15.71
C ALA D 31 12.31 18.94 14.73
N TYR D 32 11.15 18.70 14.10
CA TYR D 32 10.99 17.60 13.15
C TYR D 32 10.62 18.10 11.78
N ASP D 33 10.48 17.16 10.83
CA ASP D 33 10.11 17.42 9.44
C ASP D 33 8.62 17.73 9.23
N TRP D 34 7.84 17.91 10.33
CA TRP D 34 6.40 18.25 10.35
C TRP D 34 6.07 19.69 9.83
N VAL D 35 6.68 20.10 8.71
CA VAL D 35 6.53 21.43 8.12
C VAL D 35 5.62 21.36 6.88
N SER D 36 4.80 22.37 6.66
CA SER D 36 3.91 22.35 5.51
C SER D 36 3.87 23.68 4.78
N TRP D 37 3.55 23.66 3.48
CA TRP D 37 3.48 24.85 2.64
C TRP D 37 2.13 24.94 1.93
N TYR D 38 1.55 26.15 1.90
CA TYR D 38 0.22 26.40 1.34
C TYR D 38 0.18 27.54 0.36
N GLN D 39 -0.54 27.32 -0.76
CA GLN D 39 -0.80 28.32 -1.79
C GLN D 39 -2.21 28.84 -1.54
N GLN D 40 -2.37 30.17 -1.51
CA GLN D 40 -3.68 30.76 -1.34
C GLN D 40 -3.95 31.81 -2.43
N HIS D 41 -4.92 31.51 -3.31
CA HIS D 41 -5.34 32.46 -4.33
C HIS D 41 -6.36 33.39 -3.68
N PRO D 42 -6.29 34.72 -3.94
CA PRO D 42 -7.16 35.72 -3.29
C PRO D 42 -8.36 35.22 -2.43
N GLY D 43 -9.59 35.08 -2.95
CA GLY D 43 -10.73 34.66 -2.14
C GLY D 43 -10.98 33.18 -2.03
N LYS D 44 -9.91 32.37 -2.10
CA LYS D 44 -9.99 30.91 -2.02
C LYS D 44 -9.35 30.36 -0.76
N ALA D 45 -9.88 29.20 -0.30
CA ALA D 45 -9.35 28.45 0.85
C ALA D 45 -7.92 27.98 0.54
N PRO D 46 -6.98 27.96 1.51
CA PRO D 46 -5.61 27.52 1.18
C PRO D 46 -5.51 26.11 0.61
N LYS D 47 -4.49 25.87 -0.23
CA LYS D 47 -4.23 24.59 -0.88
C LYS D 47 -2.87 24.07 -0.44
N LEU D 48 -2.86 22.87 0.11
CA LEU D 48 -1.65 22.20 0.56
C LEU D 48 -0.78 21.89 -0.64
N LEU D 49 0.45 22.41 -0.61
CA LEU D 49 1.42 22.21 -1.69
C LEU D 49 2.41 21.15 -1.28
N ILE D 50 2.96 21.31 -0.07
CA ILE D 50 3.99 20.46 0.51
C ILE D 50 3.58 20.10 1.93
N PHE D 51 3.76 18.83 2.28
CA PHE D 51 3.58 18.30 3.62
C PHE D 51 4.90 17.60 3.91
N ASP D 52 5.23 17.44 5.20
CA ASP D 52 6.51 16.90 5.61
C ASP D 52 7.53 17.94 5.10
N VAL D 53 8.63 17.56 4.47
CA VAL D 53 9.50 18.67 4.09
C VAL D 53 9.48 18.88 2.58
N ASN D 54 9.37 17.78 1.83
CA ASN D 54 9.44 17.77 0.38
C ASN D 54 8.28 16.99 -0.28
N ASN D 55 7.42 16.35 0.53
CA ASN D 55 6.33 15.54 0.02
C ASN D 55 5.18 16.37 -0.56
N ARG D 56 4.94 16.16 -1.87
CA ARG D 56 3.87 16.82 -2.62
C ARG D 56 2.68 15.87 -2.69
N PRO D 57 1.46 16.32 -2.37
CA PRO D 57 0.29 15.43 -2.54
C PRO D 57 0.00 15.23 -4.03
N SER D 58 -0.50 14.04 -4.42
CA SER D 58 -0.82 13.77 -5.81
C SER D 58 -2.21 14.34 -6.11
N GLY D 59 -2.34 15.12 -7.18
CA GLY D 59 -1.28 15.45 -8.13
C GLY D 59 -1.08 16.93 -8.32
N VAL D 60 -0.07 17.49 -7.63
CA VAL D 60 0.29 18.92 -7.71
C VAL D 60 1.64 19.00 -8.45
N SER D 61 1.90 20.13 -9.15
CA SER D 61 3.10 20.35 -9.94
C SER D 61 4.41 20.20 -9.15
N HIS D 62 5.37 19.53 -9.79
CA HIS D 62 6.70 19.29 -9.23
C HIS D 62 7.62 20.53 -9.32
N ARG D 63 7.05 21.67 -9.81
CA ARG D 63 7.74 22.97 -9.88
C ARG D 63 7.88 23.48 -8.45
N PHE D 64 6.90 23.13 -7.59
CA PHE D 64 6.89 23.45 -6.17
C PHE D 64 7.71 22.38 -5.44
N SER D 65 8.81 22.79 -4.79
CA SER D 65 9.65 21.84 -4.05
C SER D 65 10.06 22.43 -2.72
N GLY D 66 10.01 21.60 -1.68
CA GLY D 66 10.34 22.01 -0.33
C GLY D 66 11.68 21.51 0.17
N SER D 67 12.29 22.28 1.08
CA SER D 67 13.56 21.97 1.70
C SER D 67 13.60 22.49 3.15
N LYS D 68 14.54 21.99 3.94
CA LYS D 68 14.73 22.38 5.34
C LYS D 68 16.18 22.21 5.75
N SER D 69 16.66 23.15 6.55
CA SER D 69 18.01 23.16 7.10
C SER D 69 17.91 23.94 8.41
N GLY D 70 18.09 23.23 9.53
CA GLY D 70 17.98 23.81 10.87
C GLY D 70 16.59 24.35 11.15
N ASN D 71 16.53 25.60 11.65
CA ASN D 71 15.30 26.33 11.98
C ASN D 71 14.65 26.98 10.75
N THR D 72 15.24 26.78 9.56
CA THR D 72 14.78 27.39 8.32
C THR D 72 14.24 26.36 7.30
N ALA D 73 13.02 26.62 6.82
CA ALA D 73 12.31 25.84 5.80
C ALA D 73 12.15 26.73 4.55
N SER D 74 12.12 26.12 3.36
CA SER D 74 11.98 26.91 2.13
C SER D 74 11.11 26.26 1.08
N LEU D 75 10.55 27.08 0.20
CA LEU D 75 9.70 26.64 -0.91
C LEU D 75 10.27 27.22 -2.19
N THR D 76 10.66 26.34 -3.12
CA THR D 76 11.20 26.74 -4.42
C THR D 76 10.12 26.51 -5.47
N ILE D 77 9.83 27.56 -6.26
CA ILE D 77 8.85 27.51 -7.35
C ILE D 77 9.63 27.64 -8.66
N SER D 78 9.88 26.50 -9.32
CA SER D 78 10.62 26.41 -10.59
C SER D 78 9.75 26.89 -11.75
N GLY D 79 10.40 27.46 -12.78
CA GLY D 79 9.77 27.98 -13.98
C GLY D 79 8.49 28.75 -13.71
N LEU D 80 8.60 29.81 -12.87
CA LEU D 80 7.50 30.67 -12.41
C LEU D 80 6.61 31.17 -13.55
N GLN D 81 5.31 30.86 -13.46
CA GLN D 81 4.29 31.26 -14.43
C GLN D 81 3.39 32.36 -13.84
N ALA D 82 2.58 33.02 -14.68
CA ALA D 82 1.66 34.08 -14.26
C ALA D 82 0.53 33.49 -13.40
N GLU D 83 0.09 32.26 -13.75
CA GLU D 83 -0.98 31.50 -13.09
C GLU D 83 -0.62 31.08 -11.66
N ASP D 84 0.67 31.08 -11.30
CA ASP D 84 1.17 30.70 -9.97
C ASP D 84 1.33 31.90 -9.01
N GLU D 85 0.87 33.09 -9.41
CA GLU D 85 0.95 34.33 -8.62
C GLU D 85 -0.12 34.28 -7.50
N ALA D 86 0.34 34.15 -6.22
CA ALA D 86 -0.52 34.04 -5.03
C ALA D 86 0.25 34.24 -3.68
N ASP D 87 -0.46 34.12 -2.53
CA ASP D 87 0.12 34.20 -1.18
C ASP D 87 0.56 32.81 -0.73
N TYR D 88 1.72 32.71 -0.07
CA TYR D 88 2.26 31.44 0.37
C TYR D 88 2.58 31.41 1.85
N TYR D 89 1.99 30.44 2.56
CA TYR D 89 2.20 30.29 4.00
C TYR D 89 2.86 29.00 4.33
N CYS D 90 3.82 29.05 5.24
CA CYS D 90 4.41 27.84 5.78
C CYS D 90 3.72 27.61 7.11
N ALA D 91 3.70 26.37 7.55
CA ALA D 91 3.16 26.01 8.85
C ALA D 91 4.06 24.93 9.42
N SER D 92 4.05 24.81 10.74
CA SER D 92 4.80 23.80 11.46
C SER D 92 4.07 23.49 12.75
N ALA D 93 4.00 22.22 13.10
CA ALA D 93 3.46 21.79 14.39
C ALA D 93 4.60 22.02 15.40
N THR D 94 4.28 22.20 16.70
CA THR D 94 5.31 22.48 17.72
C THR D 94 5.42 21.37 18.76
N LEU D 95 6.48 21.42 19.61
CA LEU D 95 6.68 20.48 20.71
C LEU D 95 5.60 20.69 21.78
N LEU D 96 4.86 21.82 21.72
CA LEU D 96 3.76 22.15 22.64
C LEU D 96 2.44 21.52 22.20
N ASP D 97 2.46 20.69 21.13
CA ASP D 97 1.30 20.02 20.55
C ASP D 97 0.29 21.06 20.01
N THR D 98 0.84 22.08 19.34
CA THR D 98 0.11 23.19 18.72
C THR D 98 0.65 23.35 17.30
N TYR D 99 0.17 24.36 16.58
CA TYR D 99 0.63 24.70 15.24
C TYR D 99 1.01 26.15 15.21
N VAL D 100 1.93 26.51 14.31
CA VAL D 100 2.35 27.88 14.11
C VAL D 100 2.44 28.16 12.61
N PHE D 101 1.74 29.20 12.17
CA PHE D 101 1.74 29.62 10.79
C PHE D 101 2.78 30.68 10.58
N GLY D 102 3.23 30.78 9.34
CA GLY D 102 4.15 31.81 8.92
C GLY D 102 3.37 33.08 8.67
N THR D 103 4.09 34.22 8.60
CA THR D 103 3.49 35.53 8.38
C THR D 103 2.81 35.64 7.01
N GLY D 104 3.35 34.93 6.02
CA GLY D 104 2.82 34.90 4.66
C GLY D 104 3.68 35.66 3.67
N THR D 105 3.77 35.13 2.43
CA THR D 105 4.56 35.73 1.36
C THR D 105 3.72 35.98 0.13
N LYS D 106 3.55 37.26 -0.19
CA LYS D 106 2.79 37.71 -1.35
C LYS D 106 3.71 37.70 -2.55
N VAL D 107 3.24 37.10 -3.63
CA VAL D 107 3.95 37.11 -4.90
C VAL D 107 3.23 38.13 -5.80
N THR D 108 3.96 39.17 -6.24
CA THR D 108 3.46 40.26 -7.09
C THR D 108 4.34 40.39 -8.34
N VAL D 109 3.73 40.64 -9.52
CA VAL D 109 4.42 40.85 -10.80
C VAL D 109 3.79 42.06 -11.55
N LEU D 110 4.34 43.27 -11.29
CA LEU D 110 3.90 44.54 -11.91
C LEU D 110 5.06 45.54 -11.89
N TYR E 6 18.21 6.46 20.59
CA TYR E 6 16.94 6.71 21.29
C TYR E 6 16.32 5.43 21.86
N TYR E 7 15.37 5.60 22.80
CA TYR E 7 14.64 4.55 23.52
C TYR E 7 13.93 3.52 22.61
N THR E 8 14.27 2.22 22.76
CA THR E 8 13.64 1.16 21.98
C THR E 8 12.94 0.14 22.89
N SER E 9 11.64 -0.02 22.68
CA SER E 9 10.81 -0.97 23.41
C SER E 9 10.74 -2.31 22.64
N LEU E 10 11.61 -2.46 21.62
CA LEU E 10 11.68 -3.67 20.78
C LEU E 10 12.89 -4.52 21.12
N ARG E 11 12.70 -5.85 21.13
CA ARG E 11 13.74 -6.84 21.39
C ARG E 11 13.99 -7.69 20.14
N CYS E 12 14.96 -8.59 20.22
CA CYS E 12 15.28 -9.47 19.11
C CYS E 12 14.31 -10.64 19.12
N ARG E 13 13.66 -10.86 17.98
CA ARG E 13 12.58 -11.84 17.81
C ARG E 13 13.02 -13.29 17.63
N CYS E 14 14.08 -13.52 16.85
CA CYS E 14 14.63 -14.84 16.54
C CYS E 14 15.43 -15.39 17.72
N VAL E 15 14.84 -16.37 18.43
CA VAL E 15 15.47 -17.06 19.57
C VAL E 15 16.29 -18.22 19.00
N GLN E 16 15.81 -18.78 17.89
CA GLN E 16 16.42 -19.88 17.15
C GLN E 16 16.69 -19.41 15.72
N GLU E 17 17.64 -20.04 15.04
CA GLU E 17 18.00 -19.73 13.65
C GLU E 17 18.53 -20.98 12.95
N SER E 18 18.18 -21.15 11.65
CA SER E 18 18.60 -22.27 10.80
C SER E 18 18.87 -21.81 9.36
N SER E 19 19.85 -22.44 8.70
CA SER E 19 20.23 -22.09 7.32
C SER E 19 19.39 -22.86 6.28
N VAL E 20 18.56 -23.84 6.72
CA VAL E 20 17.70 -24.69 5.89
C VAL E 20 17.11 -23.91 4.72
N PHE E 21 17.28 -24.43 3.50
CA PHE E 21 16.71 -23.82 2.31
C PHE E 21 15.21 -24.11 2.33
N ILE E 22 14.41 -23.06 2.11
CA ILE E 22 12.97 -23.22 2.05
C ILE E 22 12.56 -22.92 0.61
N PRO E 23 12.00 -23.91 -0.14
CA PRO E 23 11.57 -23.63 -1.52
C PRO E 23 10.46 -22.59 -1.57
N ARG E 24 10.51 -21.75 -2.61
CA ARG E 24 9.59 -20.64 -2.85
C ARG E 24 8.12 -20.97 -2.69
N ARG E 25 7.68 -22.08 -3.27
CA ARG E 25 6.30 -22.57 -3.30
C ARG E 25 5.75 -22.95 -1.91
N PHE E 26 6.63 -23.19 -0.91
CA PHE E 26 6.20 -23.53 0.45
C PHE E 26 6.20 -22.32 1.39
N ILE E 27 6.48 -21.11 0.83
CA ILE E 27 6.52 -19.85 1.60
C ILE E 27 5.30 -18.97 1.32
N ASP E 28 4.81 -18.30 2.37
CA ASP E 28 3.72 -17.33 2.27
C ASP E 28 4.30 -15.94 2.39
N ARG E 29 5.25 -15.72 3.33
CA ARG E 29 5.85 -14.42 3.57
C ARG E 29 7.29 -14.50 4.04
N ILE E 30 8.08 -13.53 3.56
CA ILE E 30 9.48 -13.30 3.94
C ILE E 30 9.51 -11.87 4.45
N GLN E 31 9.96 -11.67 5.68
CA GLN E 31 10.11 -10.33 6.23
C GLN E 31 11.53 -10.13 6.70
N ILE E 32 12.19 -9.10 6.17
CA ILE E 32 13.56 -8.72 6.54
C ILE E 32 13.44 -7.62 7.59
N LEU E 33 14.06 -7.84 8.76
CA LEU E 33 14.05 -6.92 9.89
C LEU E 33 15.43 -6.28 10.08
N PRO E 34 15.61 -5.03 9.62
CA PRO E 34 16.92 -4.37 9.71
C PRO E 34 17.54 -4.27 11.10
N ARG E 35 18.89 -4.24 11.11
CA ARG E 35 19.82 -4.11 12.23
C ARG E 35 19.51 -2.86 13.05
N GLY E 36 19.77 -2.93 14.35
CA GLY E 36 19.48 -1.86 15.29
C GLY E 36 18.01 -1.88 15.65
N ASN E 37 17.46 -0.71 16.07
CA ASN E 37 16.04 -0.54 16.43
C ASN E 37 15.58 -1.40 17.63
N GLY E 38 16.48 -2.20 18.18
CA GLY E 38 16.23 -3.09 19.30
C GLY E 38 17.13 -4.31 19.26
N CYS E 39 17.29 -4.89 18.05
CA CYS E 39 18.15 -6.05 17.83
C CYS E 39 19.38 -5.66 17.00
N PRO E 40 20.61 -5.92 17.51
CA PRO E 40 21.84 -5.51 16.79
C PRO E 40 22.12 -6.19 15.45
N ARG E 41 21.54 -7.39 15.26
CA ARG E 41 21.72 -8.20 14.05
C ARG E 41 20.47 -8.22 13.16
N LYS E 42 20.68 -8.52 11.87
CA LYS E 42 19.62 -8.62 10.87
C LYS E 42 18.83 -9.93 11.08
N GLU E 43 17.50 -9.84 10.97
CA GLU E 43 16.58 -10.97 11.13
C GLU E 43 15.77 -11.21 9.87
N ILE E 44 15.69 -12.48 9.44
CA ILE E 44 14.86 -12.88 8.28
C ILE E 44 13.88 -13.91 8.76
N ILE E 45 12.61 -13.49 8.87
CA ILE E 45 11.51 -14.29 9.38
C ILE E 45 10.71 -14.85 8.19
N VAL E 46 10.68 -16.18 8.07
CA VAL E 46 9.97 -16.87 6.99
C VAL E 46 8.71 -17.54 7.52
N TRP E 47 7.55 -17.18 6.96
CA TRP E 47 6.26 -17.78 7.30
C TRP E 47 5.97 -18.84 6.26
N LYS E 48 6.09 -20.09 6.67
CA LYS E 48 5.84 -21.23 5.80
C LYS E 48 4.33 -21.47 5.67
N LYS E 49 3.92 -22.17 4.60
CA LYS E 49 2.50 -22.50 4.34
C LYS E 49 1.97 -23.50 5.36
N ASN E 50 2.85 -24.35 5.94
CA ASN E 50 2.45 -25.32 6.97
C ASN E 50 2.27 -24.69 8.35
N LYS E 51 2.32 -23.33 8.40
CA LYS E 51 2.10 -22.43 9.53
C LYS E 51 3.30 -22.30 10.48
N SER E 52 4.39 -23.03 10.23
CA SER E 52 5.60 -22.93 11.06
C SER E 52 6.37 -21.66 10.69
N ILE E 53 6.89 -20.95 11.70
CA ILE E 53 7.67 -19.75 11.44
C ILE E 53 9.13 -20.01 11.78
N VAL E 54 10.02 -19.87 10.78
CA VAL E 54 11.45 -20.12 10.93
C VAL E 54 12.31 -18.88 10.62
N CYS E 55 13.48 -18.80 11.25
CA CYS E 55 14.44 -17.72 11.10
C CYS E 55 15.64 -18.16 10.31
N VAL E 56 16.01 -17.40 9.27
CA VAL E 56 17.23 -17.64 8.50
C VAL E 56 18.20 -16.46 8.72
N ASP E 57 19.48 -16.76 8.95
CA ASP E 57 20.50 -15.73 9.19
C ASP E 57 20.87 -15.06 7.89
N PRO E 58 21.25 -13.75 7.92
CA PRO E 58 21.69 -13.08 6.69
C PRO E 58 22.97 -13.71 6.09
N GLN E 59 23.36 -13.28 4.87
CA GLN E 59 24.52 -13.73 4.10
C GLN E 59 24.61 -15.28 3.96
N ALA E 60 23.46 -15.98 4.05
CA ALA E 60 23.36 -17.43 3.86
C ALA E 60 23.21 -17.66 2.36
N GLU E 61 23.87 -18.69 1.83
CA GLU E 61 23.96 -19.02 0.41
C GLU E 61 22.69 -18.75 -0.43
N TRP E 62 21.50 -19.20 0.02
CA TRP E 62 20.27 -19.02 -0.75
C TRP E 62 19.58 -17.65 -0.63
N ILE E 63 19.58 -17.01 0.56
CA ILE E 63 18.96 -15.68 0.74
C ILE E 63 19.87 -14.53 0.34
N GLN E 64 21.20 -14.79 0.20
CA GLN E 64 22.18 -13.76 -0.20
C GLN E 64 21.83 -13.16 -1.56
N ARG E 65 21.47 -14.03 -2.54
CA ARG E 65 21.08 -13.63 -3.89
C ARG E 65 19.73 -12.89 -3.92
N MET E 66 18.87 -13.15 -2.91
CA MET E 66 17.54 -12.56 -2.76
C MET E 66 17.58 -11.08 -2.36
N MET E 67 18.65 -10.65 -1.68
CA MET E 67 18.85 -9.28 -1.20
C MET E 67 19.01 -8.25 -2.33
N GLU E 68 19.41 -8.70 -3.53
CA GLU E 68 19.62 -7.89 -4.74
C GLU E 68 18.39 -7.07 -5.14
N VAL E 69 17.20 -7.69 -5.05
CA VAL E 69 15.91 -7.07 -5.41
C VAL E 69 15.06 -6.79 -4.18
N THR F 8 8.68 -21.91 16.02
CA THR F 8 8.06 -20.96 16.91
C THR F 8 8.16 -21.40 18.41
N SER F 9 9.32 -21.27 19.12
CA SER F 9 10.67 -20.79 18.81
C SER F 9 10.74 -19.33 18.30
N LEU F 10 9.67 -18.54 18.57
CA LEU F 10 9.58 -17.13 18.18
C LEU F 10 8.86 -16.30 19.25
N ARG F 11 9.57 -15.30 19.78
CA ARG F 11 9.09 -14.37 20.82
C ARG F 11 8.38 -13.16 20.22
N CYS F 12 7.72 -12.37 21.07
CA CYS F 12 7.05 -11.13 20.69
C CYS F 12 8.09 -10.01 20.60
N ARG F 13 8.09 -9.23 19.49
CA ARG F 13 9.01 -8.11 19.25
C ARG F 13 9.10 -7.13 20.43
N CYS F 14 7.98 -6.82 21.08
CA CYS F 14 7.94 -5.88 22.19
C CYS F 14 8.44 -6.46 23.50
N VAL F 15 9.33 -5.70 24.19
CA VAL F 15 9.90 -6.09 25.49
C VAL F 15 8.82 -5.93 26.55
N GLN F 16 8.22 -4.73 26.62
CA GLN F 16 7.17 -4.42 27.59
C GLN F 16 6.06 -3.59 26.97
N GLU F 17 4.82 -3.89 27.40
CA GLU F 17 3.61 -3.18 26.96
C GLU F 17 3.36 -1.98 27.89
N SER F 18 3.21 -0.80 27.30
CA SER F 18 3.02 0.46 28.02
C SER F 18 1.57 0.93 27.98
N SER F 19 1.13 1.59 29.06
CA SER F 19 -0.22 2.13 29.15
C SER F 19 -0.23 3.67 28.92
N VAL F 20 0.80 4.19 28.20
CA VAL F 20 0.95 5.61 27.89
C VAL F 20 0.15 6.06 26.68
N PHE F 21 -0.19 7.36 26.63
CA PHE F 21 -0.85 7.97 25.49
C PHE F 21 0.18 8.84 24.78
N ILE F 22 0.44 8.54 23.50
CA ILE F 22 1.34 9.33 22.68
C ILE F 22 0.46 10.21 21.79
N PRO F 23 0.59 11.56 21.88
CA PRO F 23 -0.26 12.44 21.06
C PRO F 23 -0.02 12.25 19.58
N ARG F 24 -1.09 12.37 18.80
CA ARG F 24 -1.18 12.21 17.35
C ARG F 24 -0.03 12.89 16.58
N ARG F 25 0.24 14.16 16.89
CA ARG F 25 1.24 14.97 16.20
C ARG F 25 2.70 14.56 16.45
N PHE F 26 2.96 13.75 17.48
CA PHE F 26 4.32 13.25 17.77
C PHE F 26 4.56 11.84 17.22
N ILE F 27 3.52 11.25 16.59
CA ILE F 27 3.55 9.90 16.00
C ILE F 27 3.92 10.00 14.51
N ASP F 28 4.82 9.14 14.08
CA ASP F 28 5.27 9.09 12.70
C ASP F 28 4.63 7.89 11.99
N ARG F 29 4.44 6.78 12.73
CA ARG F 29 3.85 5.53 12.24
C ARG F 29 3.39 4.71 13.44
N ILE F 30 2.16 4.19 13.39
CA ILE F 30 1.64 3.31 14.44
C ILE F 30 1.20 2.01 13.77
N GLN F 31 1.92 0.92 14.06
CA GLN F 31 1.68 -0.42 13.53
C GLN F 31 0.72 -1.20 14.40
N ILE F 32 -0.13 -2.03 13.77
CA ILE F 32 -1.07 -2.93 14.43
C ILE F 32 -0.73 -4.38 14.03
N LEU F 33 0.27 -4.96 14.69
CA LEU F 33 0.75 -6.31 14.42
C LEU F 33 -0.29 -7.37 14.86
N PRO F 34 -0.72 -8.28 13.97
CA PRO F 34 -1.69 -9.31 14.38
C PRO F 34 -1.04 -10.42 15.20
N ARG F 35 -1.84 -11.15 15.97
CA ARG F 35 -1.37 -12.25 16.81
C ARG F 35 -1.06 -13.53 16.01
N GLY F 36 0.11 -14.10 16.27
CA GLY F 36 0.59 -15.32 15.63
C GLY F 36 0.73 -16.46 16.63
N ASN F 37 1.75 -17.32 16.46
CA ASN F 37 1.98 -18.45 17.36
C ASN F 37 3.50 -18.75 17.71
N GLY F 38 4.43 -17.77 17.71
CA GLY F 38 4.28 -16.36 17.37
C GLY F 38 4.02 -15.48 18.57
N CYS F 39 2.90 -14.74 18.53
CA CYS F 39 2.48 -13.83 19.59
C CYS F 39 1.13 -14.20 20.19
N PRO F 40 1.04 -14.42 21.52
CA PRO F 40 -0.28 -14.70 22.13
C PRO F 40 -1.16 -13.45 22.11
N ARG F 41 -0.56 -12.26 22.34
CA ARG F 41 -1.21 -10.94 22.35
C ARG F 41 -0.93 -10.21 21.03
N LYS F 42 -1.79 -9.24 20.69
CA LYS F 42 -1.62 -8.39 19.51
C LYS F 42 -0.60 -7.30 19.92
N GLU F 43 0.37 -7.00 19.05
CA GLU F 43 1.41 -6.00 19.35
C GLU F 43 1.14 -4.68 18.67
N ILE F 44 1.32 -3.57 19.41
CA ILE F 44 1.14 -2.22 18.87
C ILE F 44 2.46 -1.48 19.01
N ILE F 45 3.13 -1.31 17.87
CA ILE F 45 4.42 -0.67 17.76
C ILE F 45 4.22 0.75 17.27
N VAL F 46 4.61 1.73 18.11
CA VAL F 46 4.48 3.15 17.81
C VAL F 46 5.86 3.75 17.52
N TRP F 47 6.01 4.32 16.32
CA TRP F 47 7.24 4.94 15.84
C TRP F 47 7.09 6.44 16.04
N LYS F 48 7.69 6.97 17.12
CA LYS F 48 7.62 8.39 17.43
C LYS F 48 8.48 9.20 16.45
N LYS F 49 8.20 10.52 16.33
CA LYS F 49 8.96 11.41 15.45
C LYS F 49 10.40 11.61 15.95
N ASN F 50 10.62 11.52 17.29
CA ASN F 50 11.95 11.67 17.91
C ASN F 50 12.83 10.43 17.72
N LYS F 51 12.33 9.44 16.91
CA LYS F 51 12.96 8.17 16.52
C LYS F 51 12.88 7.09 17.59
N SER F 52 12.28 7.40 18.76
CA SER F 52 12.12 6.41 19.81
C SER F 52 10.90 5.53 19.49
N ILE F 53 10.89 4.29 19.97
CA ILE F 53 9.81 3.36 19.70
C ILE F 53 9.12 2.89 20.99
N VAL F 54 7.78 3.02 21.03
CA VAL F 54 6.97 2.67 22.19
C VAL F 54 6.01 1.53 21.86
N CYS F 55 6.00 0.50 22.69
CA CYS F 55 5.08 -0.61 22.55
C CYS F 55 3.96 -0.39 23.53
N VAL F 56 2.76 -0.14 23.00
CA VAL F 56 1.60 0.15 23.82
C VAL F 56 0.76 -1.12 23.98
N ASP F 57 0.17 -1.26 25.18
CA ASP F 57 -0.69 -2.35 25.60
C ASP F 57 -1.90 -2.47 24.67
N PRO F 58 -2.24 -3.68 24.18
CA PRO F 58 -3.37 -3.83 23.25
C PRO F 58 -4.75 -3.53 23.84
N GLN F 59 -4.93 -3.77 25.15
CA GLN F 59 -6.19 -3.55 25.84
C GLN F 59 -6.37 -2.11 26.36
N ALA F 60 -5.55 -1.15 25.86
CA ALA F 60 -5.63 0.26 26.22
C ALA F 60 -6.90 0.84 25.59
N GLU F 61 -7.60 1.75 26.30
CA GLU F 61 -8.86 2.34 25.82
C GLU F 61 -8.69 3.13 24.51
N TRP F 62 -7.61 3.93 24.37
CA TRP F 62 -7.37 4.74 23.16
C TRP F 62 -6.89 3.90 21.96
N ILE F 63 -6.51 2.63 22.20
CA ILE F 63 -6.07 1.72 21.14
C ILE F 63 -7.28 1.02 20.53
N GLN F 64 -8.12 0.37 21.37
CA GLN F 64 -9.35 -0.31 20.93
C GLN F 64 -10.35 0.65 20.30
N ARG F 65 -10.40 1.91 20.80
CA ARG F 65 -11.25 2.98 20.29
C ARG F 65 -10.78 3.44 18.91
N MET F 66 -9.49 3.21 18.59
CA MET F 66 -8.89 3.55 17.31
C MET F 66 -8.95 2.37 16.34
N MET F 67 -8.78 1.15 16.85
CA MET F 67 -8.83 -0.10 16.08
C MET F 67 -10.23 -0.32 15.48
N GLU F 68 -11.29 0.07 16.22
CA GLU F 68 -12.69 -0.05 15.80
C GLU F 68 -13.05 0.89 14.65
N VAL F 69 -12.34 2.03 14.54
CA VAL F 69 -12.56 3.03 13.48
C VAL F 69 -11.54 2.83 12.34
N LEU F 70 -10.53 1.97 12.55
CA LEU F 70 -9.51 1.66 11.55
C LEU F 70 -10.02 0.65 10.51
N ARG F 71 -11.06 -0.14 10.87
CA ARG F 71 -11.68 -1.15 10.00
C ARG F 71 -12.60 -0.55 8.91
N LYS F 72 -12.59 0.80 8.76
CA LYS F 72 -13.40 1.55 7.79
C LYS F 72 -12.73 1.67 6.39
N ARG F 73 -11.75 0.79 6.09
CA ARG F 73 -11.02 0.76 4.82
C ARG F 73 -11.89 0.34 3.63
#